data_7X3P
#
_entry.id   7X3P
#
_cell.length_a   41.332
_cell.length_b   65.034
_cell.length_c   55.658
_cell.angle_alpha   90.000
_cell.angle_beta   93.580
_cell.angle_gamma   90.000
#
_symmetry.space_group_name_H-M   'P 1 21 1'
#
loop_
_entity.id
_entity.type
_entity.pdbx_description
1 polymer 'NAD-dependent protein deacylase sirtuin-5, mitochondrial'
2 non-polymer '5-[[(5~{S})-6-[[(1~{S})-1-(4-hydroxyphenyl)-2-oxidanylidene-2-(prop-2-ynylamino)ethyl]amino]-6-oxidanylidene-5-[[4-[3-(trifluoromethyl)-1,2-diazirin-3-yl]phenyl]carbonylamino]hexyl]amino]-5-sulfanylidene-pentanoic acid'
3 non-polymer DI(HYDROXYETHYL)ETHER
4 non-polymer 'ZINC ION'
5 water water
#
_entity_poly.entity_id   1
_entity_poly.type   'polypeptide(L)'
_entity_poly.pdbx_seq_one_letter_code
;ARPSSSMADFRKFFAKAKHIVIISGAGVSAESGVPTFRGAGGYWRKWQAQDLATPLAFAHNPSRVWEFYHYRREVMGSKE
PNAGHRAIAECETRLGKQGRRVVVITQNIDELHRKAGTKNLLEIHGSLFKTRCTSCGVVAENYKSPICPALSGKGAPEPG
TQDASIPVEKLPRCEEAGCGGLLRPHVVWFGENLDPAILEEVDRELAHCDLCLVVGTSSVVYPAAMFAPQVAARGVPVAE
FNTETTPATNRFRFHFQGPCGTTLPEALACHENETVS
;
_entity_poly.pdbx_strand_id   A
#
loop_
_chem_comp.id
_chem_comp.type
_chem_comp.name
_chem_comp.formula
8VG peptide-like '5-[[(5~{S})-6-[[(1~{S})-1-(4-hydroxyphenyl)-2-oxidanylidene-2-(prop-2-ynylamino)ethyl]amino]-6-oxidanylidene-5-[[4-[3-(trifluoromethyl)-1,2-diazirin-3-yl]phenyl]carbonylamino]hexyl]amino]-5-sulfanylidene-pentanoic acid' 'C31 H33 F3 N6 O6 S'
PEG non-polymer DI(HYDROXYETHYL)ETHER 'C4 H10 O3'
ZN non-polymer 'ZINC ION' 'Zn 2'
#
# COMPACT_ATOMS: atom_id res chain seq x y z
N PRO A 3 -16.66 5.43 18.83
CA PRO A 3 -17.29 4.52 17.88
C PRO A 3 -17.60 3.17 18.50
N SER A 4 -18.56 2.49 17.89
CA SER A 4 -18.98 1.19 18.39
C SER A 4 -17.88 0.15 18.23
N SER A 5 -17.77 -0.74 19.21
CA SER A 5 -16.96 -1.95 19.07
C SER A 5 -17.81 -3.22 19.04
N SER A 6 -19.07 -3.10 18.61
CA SER A 6 -19.95 -4.25 18.47
C SER A 6 -19.68 -5.01 17.18
N MET A 7 -18.99 -6.15 17.31
CA MET A 7 -18.79 -7.03 16.16
C MET A 7 -20.12 -7.49 15.60
N ALA A 8 -21.09 -7.74 16.48
CA ALA A 8 -22.38 -8.22 16.03
C ALA A 8 -23.08 -7.18 15.16
N ASP A 9 -23.00 -5.91 15.55
CA ASP A 9 -23.66 -4.87 14.76
C ASP A 9 -22.94 -4.68 13.44
N PHE A 10 -21.61 -4.75 13.46
CA PHE A 10 -20.86 -4.70 12.21
C PHE A 10 -21.28 -5.83 11.29
N ARG A 11 -21.38 -7.04 11.83
CA ARG A 11 -21.68 -8.18 10.96
C ARG A 11 -23.08 -8.12 10.40
N LYS A 12 -24.01 -7.42 11.07
CA LYS A 12 -25.33 -7.20 10.46
C LYS A 12 -25.22 -6.37 9.20
N PHE A 13 -24.40 -5.30 9.21
CA PHE A 13 -24.18 -4.55 7.99
C PHE A 13 -23.45 -5.40 6.96
N PHE A 14 -22.45 -6.15 7.41
CA PHE A 14 -21.64 -6.97 6.49
C PHE A 14 -22.51 -7.98 5.75
N ALA A 15 -23.50 -8.56 6.43
CA ALA A 15 -24.31 -9.61 5.83
C ALA A 15 -25.10 -9.10 4.64
N LYS A 16 -25.44 -7.81 4.63
CA LYS A 16 -26.30 -7.23 3.60
C LYS A 16 -25.54 -6.36 2.60
N ALA A 17 -24.28 -6.04 2.87
CA ALA A 17 -23.54 -5.11 2.01
C ALA A 17 -23.31 -5.70 0.63
N LYS A 18 -23.63 -4.89 -0.39
CA LYS A 18 -23.44 -5.28 -1.79
C LYS A 18 -22.14 -4.78 -2.40
N HIS A 19 -21.50 -3.79 -1.78
CA HIS A 19 -20.34 -3.15 -2.39
C HIS A 19 -19.43 -2.64 -1.26
N ILE A 20 -18.42 -3.41 -0.94
CA ILE A 20 -17.56 -3.16 0.21
C ILE A 20 -16.24 -2.63 -0.31
N VAL A 21 -15.81 -1.50 0.25
CA VAL A 21 -14.49 -0.95 0.02
C VAL A 21 -13.64 -1.23 1.25
N ILE A 22 -12.47 -1.81 1.04
CA ILE A 22 -11.50 -2.08 2.10
C ILE A 22 -10.26 -1.26 1.80
N ILE A 23 -10.00 -0.26 2.63
CA ILE A 23 -8.81 0.57 2.52
C ILE A 23 -7.76 0.02 3.47
N SER A 24 -6.56 -0.23 2.97
CA SER A 24 -5.52 -0.80 3.82
C SER A 24 -4.25 0.02 3.82
N GLY A 25 -3.55 -0.04 4.94
CA GLY A 25 -2.27 0.60 5.09
C GLY A 25 -1.19 -0.26 5.71
N ALA A 26 -0.17 0.42 6.23
CA ALA A 26 1.12 -0.23 6.53
C ALA A 26 1.00 -1.27 7.61
N GLY A 27 0.02 -1.13 8.49
CA GLY A 27 -0.14 -2.12 9.54
C GLY A 27 -0.33 -3.51 9.00
N VAL A 28 -1.09 -3.65 7.90
CA VAL A 28 -1.32 -4.97 7.34
C VAL A 28 -0.02 -5.57 6.82
N SER A 29 0.84 -4.73 6.23
CA SER A 29 2.16 -5.17 5.78
C SER A 29 3.06 -5.50 6.95
N ALA A 30 3.03 -4.68 8.00
CA ALA A 30 3.87 -4.95 9.15
C ALA A 30 3.56 -6.28 9.79
N GLU A 31 2.28 -6.71 9.74
CA GLU A 31 1.90 -7.99 10.32
C GLU A 31 2.43 -9.18 9.53
N SER A 32 2.96 -8.97 8.33
CA SER A 32 3.70 -9.98 7.58
C SER A 32 5.21 -9.81 7.75
N GLY A 33 5.66 -8.94 8.64
CA GLY A 33 7.07 -8.69 8.80
C GLY A 33 7.70 -7.84 7.73
N VAL A 34 6.90 -7.12 6.95
CA VAL A 34 7.42 -6.19 5.95
C VAL A 34 7.86 -4.93 6.66
N PRO A 35 9.09 -4.46 6.46
CA PRO A 35 9.48 -3.17 7.06
C PRO A 35 8.81 -2.02 6.32
N THR A 36 8.22 -1.11 7.08
CA THR A 36 7.47 -0.02 6.45
C THR A 36 8.14 1.33 6.59
N PHE A 37 9.21 1.43 7.40
CA PHE A 37 10.03 2.63 7.47
C PHE A 37 9.21 3.86 7.84
N ARG A 38 8.21 3.67 8.68
CA ARG A 38 7.36 4.75 9.14
C ARG A 38 6.90 4.42 10.55
N GLY A 39 6.93 5.42 11.43
CA GLY A 39 6.58 5.17 12.82
C GLY A 39 7.45 4.08 13.36
N ALA A 40 6.82 3.04 13.91
CA ALA A 40 7.52 1.87 14.42
C ALA A 40 7.98 0.92 13.33
N GLY A 41 7.78 1.27 12.05
CA GLY A 41 8.06 0.42 10.91
C GLY A 41 9.52 0.29 10.52
N GLY A 42 10.40 1.02 11.18
CA GLY A 42 11.82 0.83 11.05
C GLY A 42 12.54 2.02 10.44
N TYR A 43 13.85 1.90 10.47
CA TYR A 43 14.78 2.76 9.77
C TYR A 43 15.56 1.92 8.78
N TRP A 44 16.01 2.56 7.71
CA TRP A 44 16.99 2.01 6.79
C TRP A 44 18.20 2.93 6.90
N ARG A 45 19.31 2.38 7.39
CA ARG A 45 20.50 3.17 7.73
C ARG A 45 20.01 4.24 8.72
N LYS A 46 20.20 5.51 8.46
CA LYS A 46 19.80 6.56 9.39
C LYS A 46 18.47 7.21 9.00
N TRP A 47 17.73 6.63 8.06
CA TRP A 47 16.59 7.31 7.45
C TRP A 47 15.30 6.52 7.58
N GLN A 48 14.19 7.24 7.43
CA GLN A 48 12.87 6.64 7.29
C GLN A 48 12.32 7.01 5.91
N ALA A 49 11.14 6.49 5.60
CA ALA A 49 10.61 6.66 4.25
C ALA A 49 10.50 8.13 3.87
N GLN A 50 10.08 8.98 4.81
CA GLN A 50 9.87 10.37 4.44
C GLN A 50 11.16 11.09 4.07
N ASP A 51 12.32 10.52 4.38
CA ASP A 51 13.59 11.11 3.99
C ASP A 51 13.98 10.73 2.57
N LEU A 52 13.59 9.55 2.11
CA LEU A 52 14.09 8.96 0.89
C LEU A 52 13.07 8.89 -0.21
N ALA A 53 11.79 8.79 0.15
CA ALA A 53 10.70 8.69 -0.82
C ALA A 53 10.23 10.07 -1.22
N THR A 54 11.14 10.83 -1.82
CA THR A 54 10.86 12.17 -2.31
C THR A 54 11.56 12.40 -3.62
N PRO A 55 10.99 13.24 -4.49
CA PRO A 55 11.68 13.54 -5.75
C PRO A 55 13.02 14.22 -5.53
N LEU A 56 13.16 15.04 -4.49
CA LEU A 56 14.43 15.70 -4.24
C LEU A 56 15.49 14.68 -3.83
N ALA A 57 15.13 13.68 -3.03
CA ALA A 57 16.12 12.68 -2.64
C ALA A 57 16.62 11.93 -3.87
N PHE A 58 15.72 11.60 -4.78
CA PHE A 58 16.10 10.86 -5.98
C PHE A 58 16.91 11.73 -6.93
N ALA A 59 16.60 13.02 -7.00
CA ALA A 59 17.36 13.93 -7.86
C ALA A 59 18.80 14.06 -7.37
N HIS A 60 18.97 14.16 -6.05
CA HIS A 60 20.27 14.42 -5.45
C HIS A 60 21.09 13.15 -5.29
N ASN A 61 20.46 12.00 -5.07
CA ASN A 61 21.19 10.76 -4.81
C ASN A 61 20.36 9.59 -5.29
N PRO A 62 20.26 9.43 -6.61
CA PRO A 62 19.45 8.32 -7.13
C PRO A 62 19.99 6.97 -6.76
N SER A 63 21.31 6.84 -6.59
CA SER A 63 21.87 5.56 -6.16
C SER A 63 21.40 5.18 -4.76
N ARG A 64 21.40 6.13 -3.83
CA ARG A 64 20.95 5.82 -2.47
C ARG A 64 19.48 5.45 -2.46
N VAL A 65 18.65 6.18 -3.20
CA VAL A 65 17.22 5.86 -3.24
C VAL A 65 17.01 4.51 -3.89
N TRP A 66 17.75 4.20 -4.95
CA TRP A 66 17.64 2.87 -5.53
C TRP A 66 18.13 1.77 -4.57
N GLU A 67 19.18 2.03 -3.78
CA GLU A 67 19.60 1.04 -2.78
C GLU A 67 18.48 0.73 -1.80
N PHE A 68 17.79 1.78 -1.35
CA PHE A 68 16.68 1.62 -0.43
C PHE A 68 15.57 0.77 -1.03
N TYR A 69 15.15 1.09 -2.25
CA TYR A 69 14.07 0.31 -2.85
C TYR A 69 14.55 -1.08 -3.25
N HIS A 70 15.82 -1.24 -3.63
CA HIS A 70 16.37 -2.55 -3.89
C HIS A 70 16.27 -3.44 -2.65
N TYR A 71 16.70 -2.93 -1.52
CA TYR A 71 16.58 -3.68 -0.27
C TYR A 71 15.15 -4.15 -0.07
N ARG A 72 14.20 -3.25 -0.24
CA ARG A 72 12.81 -3.57 0.05
C ARG A 72 12.25 -4.59 -0.93
N ARG A 73 12.63 -4.50 -2.20
CA ARG A 73 12.27 -5.53 -3.17
C ARG A 73 12.79 -6.91 -2.77
N GLU A 74 14.06 -6.97 -2.40
CA GLU A 74 14.67 -8.27 -2.14
C GLU A 74 14.16 -8.92 -0.87
N VAL A 75 13.77 -8.15 0.15
CA VAL A 75 13.23 -8.73 1.36
C VAL A 75 11.88 -9.39 1.11
N MET A 76 11.14 -8.97 0.08
CA MET A 76 9.80 -9.52 -0.13
C MET A 76 9.80 -11.00 -0.46
N GLY A 77 10.91 -11.55 -0.95
CA GLY A 77 10.92 -12.96 -1.30
C GLY A 77 10.60 -13.87 -0.15
N SER A 78 10.84 -13.42 1.07
CA SER A 78 10.61 -14.21 2.26
C SER A 78 9.35 -13.82 2.99
N LYS A 79 8.52 -12.94 2.44
CA LYS A 79 7.34 -12.44 3.13
C LYS A 79 6.10 -13.07 2.53
N GLU A 80 5.16 -13.43 3.39
CA GLU A 80 3.92 -14.07 2.96
C GLU A 80 2.73 -13.24 3.42
N PRO A 81 1.62 -13.31 2.71
CA PRO A 81 0.39 -12.70 3.22
C PRO A 81 0.04 -13.30 4.57
N ASN A 82 -0.54 -12.46 5.42
CA ASN A 82 -0.97 -12.89 6.74
C ASN A 82 -2.47 -13.16 6.76
N ALA A 83 -2.96 -13.57 7.93
CA ALA A 83 -4.37 -13.96 8.03
C ALA A 83 -5.30 -12.81 7.69
N GLY A 84 -4.87 -11.57 7.90
CA GLY A 84 -5.66 -10.42 7.46
C GLY A 84 -5.77 -10.34 5.95
N HIS A 85 -4.62 -10.41 5.25
CA HIS A 85 -4.66 -10.46 3.78
C HIS A 85 -5.54 -11.60 3.32
N ARG A 86 -5.41 -12.77 3.93
N ARG A 86 -5.43 -12.77 3.94
CA ARG A 86 -6.15 -13.93 3.45
CA ARG A 86 -6.15 -13.93 3.44
C ARG A 86 -7.64 -13.76 3.67
C ARG A 86 -7.65 -13.79 3.68
N ALA A 87 -8.05 -13.24 4.83
CA ALA A 87 -9.47 -13.00 5.08
C ALA A 87 -10.05 -12.03 4.05
N ILE A 88 -9.29 -11.00 3.70
CA ILE A 88 -9.73 -10.02 2.73
C ILE A 88 -9.89 -10.66 1.35
N ALA A 89 -8.91 -11.46 0.93
CA ALA A 89 -9.01 -12.13 -0.36
C ALA A 89 -10.14 -13.14 -0.38
N GLU A 90 -10.30 -13.90 0.71
CA GLU A 90 -11.37 -14.91 0.77
C GLU A 90 -12.73 -14.24 0.70
N CYS A 91 -12.88 -13.12 1.40
CA CYS A 91 -14.14 -12.39 1.37
C CYS A 91 -14.48 -11.95 -0.06
N GLU A 92 -13.52 -11.36 -0.77
CA GLU A 92 -13.78 -10.95 -2.15
C GLU A 92 -14.25 -12.13 -2.98
N THR A 93 -13.56 -13.27 -2.87
CA THR A 93 -13.90 -14.42 -3.69
C THR A 93 -15.30 -14.91 -3.34
N ARG A 94 -15.57 -15.07 -2.05
CA ARG A 94 -16.86 -15.62 -1.61
C ARG A 94 -18.01 -14.70 -2.02
N LEU A 95 -17.87 -13.40 -1.74
CA LEU A 95 -18.94 -12.48 -2.08
C LEU A 95 -19.11 -12.35 -3.58
N GLY A 96 -18.01 -12.49 -4.34
CA GLY A 96 -18.11 -12.33 -5.77
C GLY A 96 -18.99 -13.39 -6.40
N LYS A 97 -18.99 -14.60 -5.83
CA LYS A 97 -19.89 -15.64 -6.28
C LYS A 97 -21.36 -15.32 -6.01
N GLN A 98 -21.63 -14.40 -5.08
CA GLN A 98 -22.98 -13.98 -4.71
C GLN A 98 -23.40 -12.70 -5.41
N GLY A 99 -22.58 -12.20 -6.33
CA GLY A 99 -22.87 -10.96 -7.01
C GLY A 99 -22.60 -9.74 -6.17
N ARG A 100 -21.75 -9.86 -5.15
CA ARG A 100 -21.43 -8.77 -4.26
C ARG A 100 -19.97 -8.39 -4.43
N ARG A 101 -19.70 -7.09 -4.51
CA ARG A 101 -18.37 -6.59 -4.83
C ARG A 101 -17.57 -6.25 -3.58
N VAL A 102 -16.31 -6.67 -3.57
CA VAL A 102 -15.31 -6.26 -2.60
C VAL A 102 -14.13 -5.71 -3.38
N VAL A 103 -13.70 -4.49 -3.06
CA VAL A 103 -12.54 -3.88 -3.69
C VAL A 103 -11.59 -3.41 -2.61
N VAL A 104 -10.30 -3.64 -2.82
CA VAL A 104 -9.24 -3.23 -1.90
C VAL A 104 -8.55 -2.02 -2.49
N ILE A 105 -8.48 -0.95 -1.70
CA ILE A 105 -7.76 0.25 -2.07
C ILE A 105 -6.60 0.31 -1.10
N THR A 106 -5.39 0.01 -1.57
CA THR A 106 -4.26 -0.08 -0.67
C THR A 106 -3.26 1.05 -0.86
N GLN A 107 -2.77 1.55 0.28
CA GLN A 107 -1.65 2.46 0.35
C GLN A 107 -0.31 1.74 0.19
N ASN A 108 -0.31 0.42 0.32
CA ASN A 108 0.91 -0.36 0.39
C ASN A 108 1.44 -0.63 -1.00
N ILE A 109 2.76 -0.80 -1.06
CA ILE A 109 3.46 -0.98 -2.33
C ILE A 109 4.13 -2.36 -2.43
N ASP A 110 3.82 -3.27 -1.50
CA ASP A 110 4.53 -4.55 -1.40
C ASP A 110 3.84 -5.72 -2.11
N GLU A 111 2.66 -5.50 -2.69
CA GLU A 111 1.91 -6.46 -3.47
C GLU A 111 1.42 -7.67 -2.68
N LEU A 112 1.40 -7.61 -1.34
CA LEU A 112 0.95 -8.79 -0.60
C LEU A 112 -0.53 -9.05 -0.77
N HIS A 113 -1.37 -8.03 -1.01
CA HIS A 113 -2.76 -8.31 -1.34
C HIS A 113 -2.85 -9.12 -2.63
N ARG A 114 -2.06 -8.76 -3.65
CA ARG A 114 -2.05 -9.53 -4.89
C ARG A 114 -1.61 -10.96 -4.61
N LYS A 115 -0.55 -11.11 -3.82
CA LYS A 115 0.00 -12.42 -3.52
C LYS A 115 -1.03 -13.30 -2.81
N ALA A 116 -1.93 -12.69 -2.03
CA ALA A 116 -2.98 -13.40 -1.33
C ALA A 116 -4.16 -13.78 -2.21
N GLY A 117 -4.27 -13.22 -3.40
CA GLY A 117 -5.36 -13.57 -4.30
C GLY A 117 -6.42 -12.50 -4.45
N THR A 118 -6.20 -11.31 -3.90
CA THR A 118 -7.08 -10.19 -4.16
C THR A 118 -7.00 -9.83 -5.63
N LYS A 119 -8.16 -9.65 -6.23
CA LYS A 119 -8.22 -9.31 -7.65
C LYS A 119 -8.65 -7.87 -7.88
N ASN A 120 -9.71 -7.42 -7.23
CA ASN A 120 -10.17 -6.03 -7.36
C ASN A 120 -9.29 -5.18 -6.45
N LEU A 121 -8.24 -4.60 -7.02
CA LEU A 121 -7.17 -3.99 -6.24
C LEU A 121 -6.75 -2.69 -6.89
N LEU A 122 -6.74 -1.62 -6.09
CA LEU A 122 -6.20 -0.33 -6.51
C LEU A 122 -4.99 -0.03 -5.65
N GLU A 123 -3.80 -0.04 -6.26
CA GLU A 123 -2.54 0.22 -5.57
C GLU A 123 -2.24 1.70 -5.80
N ILE A 124 -2.75 2.55 -4.91
CA ILE A 124 -2.80 3.98 -5.17
C ILE A 124 -1.46 4.66 -5.08
N HIS A 125 -0.45 4.00 -4.52
CA HIS A 125 0.90 4.56 -4.41
C HIS A 125 1.90 3.80 -5.26
N GLY A 126 1.44 2.95 -6.16
CA GLY A 126 2.34 2.20 -7.00
C GLY A 126 2.82 0.90 -6.36
N SER A 127 4.02 0.49 -6.78
CA SER A 127 4.52 -0.82 -6.39
C SER A 127 6.04 -0.86 -6.41
N LEU A 128 6.61 -1.57 -5.43
CA LEU A 128 8.03 -1.96 -5.43
C LEU A 128 8.43 -2.67 -6.69
N PHE A 129 7.47 -3.31 -7.35
CA PHE A 129 7.75 -4.18 -8.47
C PHE A 129 7.25 -3.59 -9.78
N LYS A 130 7.23 -2.27 -9.84
CA LYS A 130 7.10 -1.55 -11.09
C LYS A 130 8.14 -0.44 -11.16
N THR A 131 8.59 -0.20 -12.37
CA THR A 131 9.48 0.91 -12.71
C THR A 131 8.77 1.90 -13.60
N ARG A 132 9.25 3.14 -13.56
CA ARG A 132 8.80 4.17 -14.49
C ARG A 132 10.03 4.83 -15.08
N CYS A 133 10.04 4.97 -16.41
CA CYS A 133 11.17 5.64 -17.03
C CYS A 133 11.07 7.15 -16.92
N THR A 134 12.13 7.77 -16.41
CA THR A 134 12.17 9.22 -16.25
C THR A 134 12.33 9.93 -17.58
N SER A 135 12.63 9.22 -18.67
CA SER A 135 12.70 9.85 -19.99
C SER A 135 11.41 9.67 -20.78
N CYS A 136 10.94 8.44 -20.96
CA CYS A 136 9.80 8.18 -21.82
C CYS A 136 8.50 7.92 -21.08
N GLY A 137 8.55 7.78 -19.76
CA GLY A 137 7.35 7.61 -18.95
C GLY A 137 6.76 6.21 -18.91
N VAL A 138 7.34 5.24 -19.62
CA VAL A 138 6.76 3.90 -19.64
C VAL A 138 6.85 3.27 -18.26
N VAL A 139 5.75 2.63 -17.88
CA VAL A 139 5.63 1.86 -16.63
C VAL A 139 5.70 0.39 -16.97
N ALA A 140 6.51 -0.35 -16.22
CA ALA A 140 6.75 -1.76 -16.48
C ALA A 140 6.78 -2.53 -15.17
N GLU A 141 6.25 -3.75 -15.20
CA GLU A 141 6.50 -4.68 -14.11
C GLU A 141 7.97 -5.07 -14.10
N ASN A 142 8.53 -5.20 -12.91
CA ASN A 142 9.92 -5.62 -12.77
C ASN A 142 10.09 -6.38 -11.47
N TYR A 143 10.37 -7.68 -11.57
CA TYR A 143 10.63 -8.53 -10.43
C TYR A 143 12.06 -9.03 -10.40
N LYS A 144 12.93 -8.47 -11.24
CA LYS A 144 14.28 -9.00 -11.39
C LYS A 144 15.07 -8.88 -10.09
N SER A 145 15.76 -9.95 -9.75
CA SER A 145 16.59 -10.03 -8.56
C SER A 145 18.02 -10.35 -8.93
N PRO A 146 18.92 -9.37 -8.83
CA PRO A 146 18.73 -7.96 -8.52
C PRO A 146 18.22 -7.18 -9.70
N ILE A 147 17.63 -6.01 -9.45
CA ILE A 147 17.06 -5.26 -10.57
C ILE A 147 18.12 -4.84 -11.58
N CYS A 148 19.35 -4.60 -11.13
CA CYS A 148 20.46 -4.42 -12.06
C CYS A 148 21.70 -4.96 -11.40
N PRO A 149 22.72 -5.31 -12.18
CA PRO A 149 23.89 -5.95 -11.57
C PRO A 149 24.62 -5.10 -10.55
N ALA A 150 24.69 -3.79 -10.77
CA ALA A 150 25.40 -2.93 -9.83
C ALA A 150 24.79 -2.95 -8.44
N LEU A 151 23.51 -3.29 -8.33
CA LEU A 151 22.87 -3.33 -7.01
C LEU A 151 23.00 -4.67 -6.32
N SER A 152 23.64 -5.65 -6.93
CA SER A 152 23.82 -6.96 -6.31
C SER A 152 24.56 -6.83 -4.99
N GLY A 153 23.96 -7.34 -3.92
CA GLY A 153 24.52 -7.26 -2.59
C GLY A 153 24.46 -5.91 -1.94
N LYS A 154 23.83 -4.92 -2.56
CA LYS A 154 23.77 -3.58 -2.02
C LYS A 154 22.46 -3.37 -1.29
N GLY A 155 22.23 -2.14 -0.82
CA GLY A 155 21.04 -1.87 -0.03
C GLY A 155 21.08 -2.33 1.41
N ALA A 156 22.25 -2.71 1.93
CA ALA A 156 22.29 -3.19 3.29
C ALA A 156 21.77 -2.11 4.23
N PRO A 157 20.99 -2.46 5.24
CA PRO A 157 20.24 -1.47 6.02
C PRO A 157 20.91 -0.97 7.29
N GLU A 158 22.06 -1.54 7.65
CA GLU A 158 22.63 -1.22 8.95
C GLU A 158 23.10 0.23 8.98
N PRO A 159 22.90 0.93 10.09
CA PRO A 159 23.48 2.27 10.21
C PRO A 159 24.99 2.24 9.97
N GLY A 160 25.47 3.28 9.32
CA GLY A 160 26.86 3.41 8.99
C GLY A 160 27.26 2.72 7.71
N THR A 161 26.34 2.01 7.05
CA THR A 161 26.64 1.48 5.73
C THR A 161 26.90 2.64 4.78
N GLN A 162 27.97 2.54 3.99
CA GLN A 162 28.32 3.60 3.07
C GLN A 162 27.50 3.46 1.79
N ASP A 163 27.23 4.60 1.16
CA ASP A 163 26.57 4.62 -0.14
C ASP A 163 27.33 3.75 -1.14
N ALA A 164 26.58 2.95 -1.92
CA ALA A 164 27.17 2.28 -3.06
C ALA A 164 27.67 3.26 -4.12
N SER A 165 27.02 4.41 -4.25
CA SER A 165 27.43 5.47 -5.18
C SER A 165 27.59 4.92 -6.59
N ILE A 166 26.56 4.19 -7.03
CA ILE A 166 26.52 3.62 -8.37
C ILE A 166 26.31 4.75 -9.38
N PRO A 167 27.16 4.89 -10.41
CA PRO A 167 26.90 5.91 -11.43
C PRO A 167 25.54 5.70 -12.08
N VAL A 168 24.89 6.80 -12.46
CA VAL A 168 23.53 6.69 -12.98
C VAL A 168 23.46 5.78 -14.19
N GLU A 169 24.51 5.72 -15.00
CA GLU A 169 24.52 4.84 -16.16
C GLU A 169 24.35 3.37 -15.78
N LYS A 170 24.72 2.99 -14.56
CA LYS A 170 24.69 1.60 -14.11
C LYS A 170 23.52 1.34 -13.18
N LEU A 171 22.70 2.35 -12.92
CA LEU A 171 21.44 2.13 -12.21
C LEU A 171 20.43 1.54 -13.21
N PRO A 172 19.26 1.12 -12.75
CA PRO A 172 18.31 0.50 -13.71
C PRO A 172 17.94 1.42 -14.84
N ARG A 173 18.01 0.89 -16.08
CA ARG A 173 17.78 1.66 -17.28
C ARG A 173 16.64 1.07 -18.09
N CYS A 174 15.99 1.96 -18.83
CA CYS A 174 14.84 1.61 -19.65
C CYS A 174 15.25 0.66 -20.77
N GLU A 175 14.46 -0.40 -20.96
CA GLU A 175 14.73 -1.38 -22.00
C GLU A 175 13.85 -1.20 -23.23
N GLU A 176 13.07 -0.12 -23.30
CA GLU A 176 12.32 0.17 -24.51
C GLU A 176 13.31 0.45 -25.61
N ALA A 177 13.00 -0.04 -26.81
CA ALA A 177 13.90 0.19 -27.93
C ALA A 177 14.10 1.68 -28.17
N GLY A 178 15.36 2.09 -28.19
CA GLY A 178 15.67 3.47 -28.50
C GLY A 178 15.52 4.45 -27.36
N CYS A 179 15.29 3.98 -26.13
CA CYS A 179 15.21 4.93 -25.03
C CYS A 179 16.46 4.89 -24.16
N GLY A 180 16.56 3.91 -23.25
CA GLY A 180 17.72 3.79 -22.38
C GLY A 180 17.76 4.74 -21.19
N GLY A 181 16.66 5.41 -20.94
CA GLY A 181 16.61 6.38 -19.85
C GLY A 181 16.77 5.75 -18.48
N LEU A 182 16.95 6.62 -17.50
CA LEU A 182 17.06 6.20 -16.10
C LEU A 182 15.69 5.85 -15.55
N LEU A 183 15.58 4.66 -14.95
CA LEU A 183 14.33 4.27 -14.30
C LEU A 183 14.30 4.79 -12.88
N ARG A 184 13.09 5.09 -12.43
CA ARG A 184 12.79 5.28 -11.02
C ARG A 184 11.80 4.23 -10.56
N PRO A 185 11.70 3.99 -9.26
CA PRO A 185 10.58 3.20 -8.75
C PRO A 185 9.26 3.85 -9.13
N HIS A 186 8.30 3.02 -9.53
CA HIS A 186 6.94 3.50 -9.83
C HIS A 186 6.16 3.50 -8.52
N VAL A 187 6.59 4.44 -7.66
CA VAL A 187 6.06 4.62 -6.32
C VAL A 187 5.74 6.10 -6.18
N VAL A 188 4.57 6.41 -5.60
CA VAL A 188 4.20 7.80 -5.39
C VAL A 188 4.96 8.31 -4.18
N TRP A 189 5.73 9.37 -4.38
CA TRP A 189 6.58 9.91 -3.35
C TRP A 189 5.93 11.11 -2.69
N PHE A 190 6.41 11.43 -1.50
CA PHE A 190 5.87 12.57 -0.79
C PHE A 190 6.10 13.82 -1.60
N GLY A 191 5.04 14.64 -1.69
CA GLY A 191 5.06 15.81 -2.55
C GLY A 191 4.51 15.59 -3.95
N GLU A 192 4.36 14.35 -4.38
CA GLU A 192 3.81 14.02 -5.68
C GLU A 192 2.31 13.74 -5.56
N ASN A 193 1.52 14.12 -6.55
N ASN A 193 1.62 14.05 -6.66
CA ASN A 193 0.12 13.76 -6.40
CA ASN A 193 0.21 13.73 -6.87
C ASN A 193 -0.08 12.35 -6.95
C ASN A 193 0.00 12.22 -6.96
N LEU A 194 -1.17 11.75 -6.52
CA LEU A 194 -1.61 10.46 -7.02
C LEU A 194 -2.08 10.64 -8.47
N ASP A 195 -2.03 9.54 -9.21
CA ASP A 195 -2.42 9.54 -10.63
C ASP A 195 -3.90 9.93 -10.75
N PRO A 196 -4.26 10.89 -11.59
CA PRO A 196 -5.68 11.27 -11.68
C PRO A 196 -6.58 10.13 -12.11
N ALA A 197 -6.08 9.21 -12.93
CA ALA A 197 -6.89 8.06 -13.31
C ALA A 197 -7.12 7.13 -12.14
N ILE A 198 -6.14 6.97 -11.27
CA ILE A 198 -6.35 6.19 -10.05
C ILE A 198 -7.33 6.89 -9.12
N LEU A 199 -7.23 8.22 -8.97
CA LEU A 199 -8.20 8.92 -8.14
C LEU A 199 -9.62 8.76 -8.68
N GLU A 200 -9.78 8.78 -10.00
N GLU A 200 -9.78 8.77 -10.00
CA GLU A 200 -11.11 8.58 -10.58
CA GLU A 200 -11.10 8.57 -10.58
C GLU A 200 -11.63 7.20 -10.24
C GLU A 200 -11.62 7.18 -10.22
N GLU A 201 -10.76 6.20 -10.31
N GLU A 201 -10.77 6.17 -10.34
CA GLU A 201 -11.16 4.83 -10.00
CA GLU A 201 -11.16 4.81 -9.99
C GLU A 201 -11.49 4.69 -8.51
C GLU A 201 -11.51 4.71 -8.51
N VAL A 202 -10.68 5.30 -7.65
CA VAL A 202 -10.98 5.33 -6.21
C VAL A 202 -12.34 5.95 -6.00
N ASP A 203 -12.58 7.13 -6.59
CA ASP A 203 -13.79 7.86 -6.31
C ASP A 203 -15.03 7.09 -6.75
N ARG A 204 -14.92 6.35 -7.86
CA ARG A 204 -16.04 5.54 -8.33
C ARG A 204 -16.42 4.48 -7.29
N GLU A 205 -15.42 3.88 -6.65
CA GLU A 205 -15.74 2.90 -5.61
C GLU A 205 -16.28 3.58 -4.36
N LEU A 206 -15.65 4.67 -3.93
CA LEU A 206 -16.11 5.33 -2.71
C LEU A 206 -17.53 5.83 -2.85
N ALA A 207 -17.89 6.29 -4.04
CA ALA A 207 -19.20 6.91 -4.25
C ALA A 207 -20.33 5.88 -4.30
N HIS A 208 -20.00 4.62 -4.53
CA HIS A 208 -21.02 3.58 -4.66
C HIS A 208 -21.00 2.53 -3.56
N CYS A 209 -19.99 2.51 -2.72
CA CYS A 209 -19.96 1.46 -1.72
C CYS A 209 -21.05 1.67 -0.69
N ASP A 210 -21.44 0.56 -0.06
CA ASP A 210 -22.42 0.64 1.03
C ASP A 210 -21.86 0.17 2.35
N LEU A 211 -20.57 -0.15 2.39
CA LEU A 211 -19.86 -0.47 3.62
C LEU A 211 -18.38 -0.25 3.34
N CYS A 212 -17.67 0.31 4.30
CA CYS A 212 -16.25 0.59 4.14
C CYS A 212 -15.49 0.13 5.39
N LEU A 213 -14.40 -0.56 5.18
CA LEU A 213 -13.46 -0.91 6.23
C LEU A 213 -12.17 -0.17 5.98
N VAL A 214 -11.55 0.34 7.03
CA VAL A 214 -10.27 1.00 6.90
C VAL A 214 -9.34 0.30 7.89
N VAL A 215 -8.35 -0.41 7.35
CA VAL A 215 -7.66 -1.48 8.08
C VAL A 215 -6.16 -1.21 8.09
N GLY A 216 -5.58 -1.25 9.28
CA GLY A 216 -4.15 -1.16 9.42
C GLY A 216 -3.56 0.11 8.86
N THR A 217 -4.27 1.23 9.00
CA THR A 217 -3.69 2.48 8.54
C THR A 217 -3.75 3.51 9.66
N SER A 218 -2.71 4.33 9.75
N SER A 218 -2.72 4.32 9.74
CA SER A 218 -2.64 5.34 10.79
CA SER A 218 -2.64 5.34 10.78
C SER A 218 -3.46 6.56 10.42
C SER A 218 -3.46 6.56 10.42
N SER A 219 -3.97 6.63 9.19
CA SER A 219 -4.79 7.76 8.73
C SER A 219 -4.05 9.08 8.93
N VAL A 220 -2.74 9.07 8.67
CA VAL A 220 -1.96 10.29 8.63
C VAL A 220 -1.36 10.57 7.25
N VAL A 221 -1.38 9.64 6.30
CA VAL A 221 -0.87 9.87 4.97
C VAL A 221 -2.03 10.32 4.09
N TYR A 222 -1.91 11.52 3.54
CA TYR A 222 -2.92 12.12 2.69
C TYR A 222 -2.46 12.03 1.24
N PRO A 223 -3.41 12.03 0.31
CA PRO A 223 -4.86 12.14 0.51
C PRO A 223 -5.58 10.88 0.97
N ALA A 224 -4.88 9.74 1.04
CA ALA A 224 -5.56 8.49 1.34
C ALA A 224 -6.33 8.56 2.65
N ALA A 225 -5.80 9.28 3.63
CA ALA A 225 -6.45 9.36 4.94
C ALA A 225 -7.83 10.00 4.87
N MET A 226 -8.14 10.70 3.78
CA MET A 226 -9.46 11.33 3.66
C MET A 226 -10.50 10.44 3.01
N PHE A 227 -10.10 9.28 2.47
CA PHE A 227 -11.06 8.45 1.74
C PHE A 227 -12.15 7.91 2.65
N ALA A 228 -11.77 7.27 3.76
CA ALA A 228 -12.78 6.69 4.62
C ALA A 228 -13.64 7.77 5.28
N PRO A 229 -13.07 8.89 5.73
CA PRO A 229 -13.94 9.98 6.22
C PRO A 229 -14.92 10.48 5.17
N GLN A 230 -14.54 10.50 3.90
CA GLN A 230 -15.48 10.92 2.84
C GLN A 230 -16.65 9.95 2.75
N VAL A 231 -16.37 8.66 2.86
CA VAL A 231 -17.44 7.66 2.84
C VAL A 231 -18.36 7.85 4.05
N ALA A 232 -17.78 8.03 5.24
CA ALA A 232 -18.59 8.22 6.44
C ALA A 232 -19.47 9.44 6.31
N ALA A 233 -18.92 10.52 5.74
CA ALA A 233 -19.69 11.74 5.55
C ALA A 233 -20.86 11.57 4.60
N ARG A 234 -20.79 10.59 3.71
N ARG A 234 -20.81 10.59 3.70
CA ARG A 234 -21.92 10.26 2.85
CA ARG A 234 -21.96 10.27 2.87
C ARG A 234 -23.02 9.52 3.60
C ARG A 234 -23.07 9.57 3.64
N GLY A 235 -22.77 9.09 4.84
CA GLY A 235 -23.74 8.34 5.63
C GLY A 235 -23.49 6.85 5.64
N VAL A 236 -22.42 6.39 5.02
CA VAL A 236 -22.14 4.97 4.89
C VAL A 236 -21.37 4.50 6.12
N PRO A 237 -21.68 3.33 6.67
CA PRO A 237 -20.92 2.84 7.82
C PRO A 237 -19.47 2.54 7.45
N VAL A 238 -18.56 3.03 8.28
CA VAL A 238 -17.13 2.78 8.16
C VAL A 238 -16.66 2.10 9.43
N ALA A 239 -15.94 1.00 9.27
CA ALA A 239 -15.35 0.30 10.41
C ALA A 239 -13.83 0.36 10.30
N GLU A 240 -13.20 0.89 11.34
CA GLU A 240 -11.76 0.98 11.43
C GLU A 240 -11.23 -0.21 12.23
N PHE A 241 -10.32 -0.96 11.63
CA PHE A 241 -9.63 -2.07 12.27
C PHE A 241 -8.16 -1.69 12.38
N ASN A 242 -7.68 -1.40 13.57
CA ASN A 242 -6.31 -0.92 13.72
C ASN A 242 -5.84 -1.23 15.12
N THR A 243 -4.51 -1.25 15.30
CA THR A 243 -3.97 -1.55 16.62
C THR A 243 -4.18 -0.40 17.59
N GLU A 244 -4.43 0.81 17.10
CA GLU A 244 -4.70 1.96 17.95
C GLU A 244 -5.74 2.86 17.29
N THR A 245 -6.27 3.80 18.08
CA THR A 245 -7.07 4.87 17.51
C THR A 245 -6.17 5.82 16.72
N THR A 246 -6.80 6.59 15.83
CA THR A 246 -6.14 7.50 14.92
C THR A 246 -6.86 8.84 14.92
N PRO A 247 -6.31 9.84 14.26
CA PRO A 247 -7.02 11.12 14.16
C PRO A 247 -8.36 11.02 13.48
N ALA A 248 -8.62 9.97 12.71
CA ALA A 248 -9.87 9.82 11.98
C ALA A 248 -10.91 9.00 12.73
N THR A 249 -10.52 8.33 13.82
CA THR A 249 -11.38 7.34 14.45
C THR A 249 -12.78 7.88 14.73
N ASN A 250 -12.88 9.09 15.26
CA ASN A 250 -14.19 9.52 15.72
C ASN A 250 -15.12 9.93 14.59
N ARG A 251 -14.68 9.86 13.33
CA ARG A 251 -15.57 10.03 12.20
C ARG A 251 -16.29 8.74 11.83
N PHE A 252 -15.89 7.61 12.39
CA PHE A 252 -16.32 6.31 11.90
C PHE A 252 -17.37 5.68 12.79
N ARG A 253 -18.10 4.72 12.20
CA ARG A 253 -19.17 4.04 12.92
C ARG A 253 -18.63 3.00 13.89
N PHE A 254 -17.54 2.34 13.53
CA PHE A 254 -16.97 1.27 14.35
C PHE A 254 -15.47 1.45 14.48
N HIS A 255 -14.93 1.00 15.61
CA HIS A 255 -13.49 0.85 15.79
C HIS A 255 -13.21 -0.44 16.51
N PHE A 256 -12.43 -1.31 15.89
CA PHE A 256 -12.05 -2.59 16.46
C PHE A 256 -10.55 -2.57 16.67
N GLN A 257 -10.12 -2.63 17.93
CA GLN A 257 -8.74 -2.51 18.30
C GLN A 257 -8.07 -3.87 18.24
N GLY A 258 -6.91 -3.94 17.60
CA GLY A 258 -6.12 -5.14 17.58
C GLY A 258 -5.44 -5.34 16.24
N PRO A 259 -4.55 -6.32 16.17
CA PRO A 259 -3.97 -6.69 14.88
C PRO A 259 -5.06 -7.14 13.92
N CYS A 260 -4.92 -6.73 12.66
CA CYS A 260 -5.92 -7.09 11.66
C CYS A 260 -5.99 -8.58 11.45
N GLY A 261 -4.87 -9.28 11.67
CA GLY A 261 -4.90 -10.73 11.52
C GLY A 261 -5.71 -11.42 12.59
N THR A 262 -6.00 -10.73 13.69
CA THR A 262 -6.85 -11.24 14.75
C THR A 262 -8.32 -10.90 14.52
N THR A 263 -8.60 -9.66 14.15
CA THR A 263 -9.97 -9.19 14.08
C THR A 263 -10.64 -9.45 12.73
N LEU A 264 -9.90 -9.34 11.63
CA LEU A 264 -10.54 -9.45 10.32
C LEU A 264 -11.06 -10.84 9.95
N PRO A 265 -10.39 -11.93 10.34
CA PRO A 265 -10.95 -13.25 10.01
C PRO A 265 -12.32 -13.47 10.60
N GLU A 266 -12.56 -12.97 11.82
CA GLU A 266 -13.89 -13.05 12.40
C GLU A 266 -14.85 -12.09 11.71
N ALA A 267 -14.41 -10.85 11.51
CA ALA A 267 -15.29 -9.84 10.95
C ALA A 267 -15.77 -10.23 9.56
N LEU A 268 -14.91 -10.86 8.77
CA LEU A 268 -15.19 -11.11 7.35
C LEU A 268 -15.61 -12.54 7.08
N ALA A 269 -15.81 -13.34 8.12
CA ALA A 269 -16.22 -14.72 7.98
C ALA A 269 -17.54 -14.85 7.22
C33 8VG B . -0.27 14.93 -1.87
O34 8VG B . -0.92 14.98 -0.88
C35 8VG B . -0.44 15.95 -2.98
C36 8VG B . -1.67 16.51 -3.19
C37 8VG B . -1.84 17.47 -4.17
C38 8VG B . -0.75 17.84 -4.96
C39 8VG B . 0.49 17.26 -4.75
C40 8VG B . 0.64 16.33 -3.75
C41 8VG B . -0.81 18.87 -6.05
C42 8VG B . -2.18 19.47 -6.31
F43 8VG B . -2.07 20.37 -7.33
F44 8VG B . -2.68 20.09 -5.21
F45 8VG B . -3.06 18.51 -6.66
N46 8VG B . 0.01 18.91 -7.29
N47 8VG B . 0.30 19.81 -6.39
N01 8VG B . 0.76 13.93 -2.07
C02 8VG B . 0.97 12.98 -1.01
C03 8VG B . 1.75 13.70 0.08
O04 8VG B . 2.73 14.37 -0.10
C20 8VG B . 1.74 11.83 -1.57
C21 8VG B . 1.97 10.76 -0.48
C22 8VG B . 2.64 9.52 -1.10
C23 8VG B . 2.87 8.48 0.01
N24 8VG B . 3.55 7.34 -0.60
C25 8VG B . 3.58 6.10 0.10
S26 8VG B . 3.01 5.93 1.58
C27 8VG B . 4.13 4.96 -0.73
C28 8VG B . 5.30 4.28 -0.02
C29 8VG B . 6.45 5.28 0.16
C30 8VG B . 7.57 4.39 0.66
O31 8VG B . 7.37 3.70 1.71
O32 8VG B . 8.62 4.31 -0.05
N05 8VG B . 1.20 13.57 1.41
C06 8VG B . 1.83 14.27 2.50
C07 8VG B . 1.43 13.57 3.76
O08 8VG B . 0.36 13.05 3.84
C13 8VG B . 1.29 15.70 2.62
C14 8VG B . 0.04 16.01 2.11
C15 8VG B . -0.45 17.31 2.22
C16 8VG B . 0.33 18.27 2.83
O19 8VG B . -0.15 19.59 2.96
C17 8VG B . 1.59 17.96 3.34
C18 8VG B . 2.08 16.66 3.22
N09 8VG B . 2.39 13.60 4.83
C10 8VG B . 2.04 12.96 6.11
C11 8VG B . 2.80 11.65 6.34
C12 8VG B . 3.40 10.64 6.51
C1 PEG C . 0.46 3.18 7.80
O1 PEG C . -0.62 3.65 7.14
C2 PEG C . 0.42 3.47 9.26
O2 PEG C . 0.34 2.28 9.93
C3 PEG C . -0.86 2.08 10.59
C4 PEG C . -0.59 1.15 11.72
O4 PEG C . -1.64 0.27 11.58
ZN ZN D . 12.31 4.91 -21.41
#